data_6I7K
#
_entry.id   6I7K
#
_cell.length_a   186.842
_cell.length_b   186.842
_cell.length_c   76.844
_cell.angle_alpha   90.00
_cell.angle_beta   90.00
_cell.angle_gamma   120.00
#
_symmetry.space_group_name_H-M   'P 64 2 2'
#
loop_
_entity.id
_entity.type
_entity.pdbx_description
1 polymer 'Adenosine monophosphate-protein transferase FICD'
2 non-polymer 'MAGNESIUM ION'
3 non-polymer "ADENOSINE-5'-TRIPHOSPHATE"
4 non-polymer ETHANOL
5 water water
#
_entity_poly.entity_id   1
_entity_poly.type   'polypeptide(L)'
_entity_poly.pdbx_seq_one_letter_code
;SLEARAALNQALEMKRQGKREKAQKLFMHALKMDPDFVDALTEFGIFSEEDKDIIQADYLYTRALTISPYHEKALVNRDR
TLPLVEEIDQRYFSIIDSKVKKVMSIPKGNSALRRVMEETYYHHIYHTVAIEGNTLTLSEIRHILETRYAVPGKSDEEQN
EVIGMHAAMKYINTTLVSRIGSVTISDVLEIHRRVLGYVDPVEAGRFRTTQVLVGHHIPPHPQDVEKQMQEFVQWLNSEE
AMNLHPVEFAALAHYKLVYIHPFIDGNGRTSRLLMNLILMQAGYPPITIRKEQRSDYYHVLEAANEGDVRPFIRFIAKCT
ETTLDTLLFATTEYSVALPEAQP
;
_entity_poly.pdbx_strand_id   A
#
loop_
_chem_comp.id
_chem_comp.type
_chem_comp.name
_chem_comp.formula
ATP non-polymer ADENOSINE-5'-TRIPHOSPHATE 'C10 H16 N5 O13 P3'
EOH non-polymer ETHANOL 'C2 H6 O'
MG non-polymer 'MAGNESIUM ION' 'Mg 2'
#
# COMPACT_ATOMS: atom_id res chain seq x y z
N SER A 1 5.99 25.23 26.61
CA SER A 1 5.60 25.42 28.05
C SER A 1 5.57 24.06 28.76
N LEU A 2 6.22 23.96 29.91
CA LEU A 2 6.29 22.71 30.74
C LEU A 2 4.92 22.48 31.41
N GLU A 3 4.24 23.54 31.82
CA GLU A 3 2.92 23.47 32.51
C GLU A 3 1.84 23.07 31.51
N ALA A 4 1.90 23.58 30.27
CA ALA A 4 0.96 23.26 29.17
C ALA A 4 1.01 21.74 28.90
N ARG A 5 2.22 21.20 28.75
CA ARG A 5 2.50 19.75 28.57
C ARG A 5 1.84 18.96 29.71
N ALA A 6 2.07 19.39 30.96
CA ALA A 6 1.57 18.74 32.20
C ALA A 6 0.04 18.78 32.23
N ALA A 7 -0.55 19.93 31.92
CA ALA A 7 -2.01 20.19 31.92
C ALA A 7 -2.71 19.25 30.93
N LEU A 8 -2.12 19.06 29.75
CA LEU A 8 -2.68 18.19 28.67
C LEU A 8 -2.65 16.73 29.12
N ASN A 9 -1.52 16.28 29.68
CA ASN A 9 -1.30 14.89 30.14
C ASN A 9 -2.36 14.52 31.20
N GLN A 10 -2.59 15.42 32.16
CA GLN A 10 -3.61 15.23 33.23
C GLN A 10 -5.02 15.31 32.61
N ALA A 11 -5.24 16.23 31.67
CA ALA A 11 -6.52 16.39 30.94
C ALA A 11 -6.92 15.06 30.29
N LEU A 12 -5.94 14.35 29.71
CA LEU A 12 -6.13 13.04 29.03
C LEU A 12 -6.35 11.93 30.08
N GLU A 13 -5.66 12.01 31.22
CA GLU A 13 -5.81 11.06 32.35
C GLU A 13 -7.21 11.20 32.95
N MET A 14 -7.70 12.44 33.10
CA MET A 14 -9.06 12.75 33.63
C MET A 14 -10.12 12.31 32.61
N LYS A 15 -9.78 12.30 31.32
CA LYS A 15 -10.70 11.89 30.22
C LYS A 15 -10.91 10.37 30.27
N ARG A 16 -9.82 9.61 30.48
CA ARG A 16 -9.85 8.12 30.59
C ARG A 16 -10.65 7.70 31.83
N GLN A 17 -10.48 8.40 32.96
CA GLN A 17 -11.15 8.11 34.25
C GLN A 17 -12.61 8.62 34.21
N GLY A 18 -13.01 9.32 33.14
CA GLY A 18 -14.39 9.73 32.88
C GLY A 18 -14.78 11.01 33.60
N LYS A 19 -13.79 11.76 34.11
CA LYS A 19 -13.99 13.08 34.77
C LYS A 19 -13.86 14.18 33.72
N ARG A 20 -14.92 14.40 32.95
CA ARG A 20 -14.95 15.32 31.77
C ARG A 20 -14.94 16.78 32.23
N GLU A 21 -15.58 17.09 33.37
CA GLU A 21 -15.64 18.45 33.95
C GLU A 21 -14.21 18.92 34.27
N LYS A 22 -13.41 18.06 34.90
CA LYS A 22 -12.00 18.34 35.28
C LYS A 22 -11.12 18.39 34.03
N ALA A 23 -11.37 17.51 33.06
CA ALA A 23 -10.63 17.41 31.77
C ALA A 23 -10.72 18.73 31.01
N GLN A 24 -11.90 19.36 31.00
CA GLN A 24 -12.16 20.64 30.27
C GLN A 24 -11.33 21.77 30.90
N LYS A 25 -11.33 21.89 32.22
CA LYS A 25 -10.58 22.92 32.98
C LYS A 25 -9.08 22.83 32.62
N LEU A 26 -8.56 21.60 32.51
CA LEU A 26 -7.13 21.31 32.23
C LEU A 26 -6.81 21.60 30.76
N PHE A 27 -7.73 21.28 29.84
CA PHE A 27 -7.61 21.61 28.39
C PHE A 27 -7.53 23.13 28.24
N MET A 28 -8.43 23.86 28.90
CA MET A 28 -8.49 25.35 28.90
C MET A 28 -7.20 25.91 29.50
N HIS A 29 -6.67 25.27 30.56
CA HIS A 29 -5.45 25.70 31.28
C HIS A 29 -4.22 25.49 30.38
N ALA A 30 -4.18 24.39 29.63
CA ALA A 30 -3.09 24.05 28.69
C ALA A 30 -2.97 25.14 27.60
N LEU A 31 -4.11 25.66 27.12
CA LEU A 31 -4.19 26.68 26.05
C LEU A 31 -3.92 28.08 26.63
N LYS A 32 -4.22 28.29 27.92
CA LYS A 32 -3.90 29.55 28.65
C LYS A 32 -2.37 29.68 28.76
N MET A 33 -1.67 28.57 29.01
CA MET A 33 -0.19 28.52 29.20
C MET A 33 0.51 28.54 27.84
N ASP A 34 -0.09 27.93 26.82
CA ASP A 34 0.45 27.89 25.43
C ASP A 34 -0.71 27.90 24.44
N PRO A 35 -1.17 29.09 24.01
CA PRO A 35 -2.27 29.20 23.03
C PRO A 35 -2.06 28.47 21.70
N ASP A 36 -0.80 28.25 21.29
CA ASP A 36 -0.43 27.63 19.99
C ASP A 36 0.01 26.18 20.20
N PHE A 37 -0.42 25.54 21.28
CA PHE A 37 -0.09 24.12 21.61
C PHE A 37 -0.96 23.20 20.74
N VAL A 38 -0.39 22.74 19.62
CA VAL A 38 -1.09 21.94 18.57
C VAL A 38 -1.73 20.71 19.21
N ASP A 39 -0.98 19.99 20.05
CA ASP A 39 -1.42 18.74 20.72
C ASP A 39 -2.72 19.01 21.49
N ALA A 40 -2.72 20.02 22.37
CA ALA A 40 -3.86 20.39 23.24
C ALA A 40 -5.05 20.84 22.41
N LEU A 41 -4.82 21.64 21.36
CA LEU A 41 -5.87 22.15 20.44
C LEU A 41 -6.58 20.96 19.78
N THR A 42 -5.82 20.07 19.14
CA THR A 42 -6.32 18.88 18.40
C THR A 42 -7.06 17.94 19.37
N GLU A 43 -6.49 17.75 20.56
CA GLU A 43 -6.99 16.79 21.59
C GLU A 43 -8.27 17.35 22.24
N PHE A 44 -8.32 18.67 22.46
CA PHE A 44 -9.50 19.39 23.01
C PHE A 44 -10.60 19.46 21.94
N GLY A 45 -10.21 19.44 20.66
CA GLY A 45 -11.13 19.33 19.52
C GLY A 45 -11.85 17.99 19.51
N ILE A 46 -11.09 16.90 19.70
CA ILE A 46 -11.62 15.50 19.80
C ILE A 46 -12.60 15.43 20.98
N PHE A 47 -12.22 16.01 22.13
CA PHE A 47 -13.05 16.08 23.36
C PHE A 47 -14.35 16.83 23.07
N SER A 48 -14.27 17.93 22.32
CA SER A 48 -15.43 18.80 21.96
C SER A 48 -16.39 18.06 21.03
N GLU A 49 -15.84 17.26 20.11
CA GLU A 49 -16.62 16.50 19.10
C GLU A 49 -17.39 15.36 19.78
N GLU A 50 -16.80 14.73 20.80
CA GLU A 50 -17.43 13.67 21.63
C GLU A 50 -18.70 14.21 22.28
N ASP A 51 -18.68 15.47 22.75
CA ASP A 51 -19.82 16.15 23.42
C ASP A 51 -20.78 16.74 22.38
N LYS A 52 -20.52 16.50 21.09
CA LYS A 52 -21.38 16.91 19.94
C LYS A 52 -21.42 18.44 19.82
N ASP A 53 -20.32 19.13 20.16
N ASP A 53 -20.31 19.11 20.14
CA ASP A 53 -20.12 20.58 19.91
CA ASP A 53 -20.07 20.57 19.93
C ASP A 53 -19.21 20.73 18.68
C ASP A 53 -19.20 20.73 18.68
N ILE A 54 -19.81 20.70 17.49
CA ILE A 54 -19.11 20.60 16.18
C ILE A 54 -18.38 21.92 15.88
N ILE A 55 -19.03 23.07 16.12
CA ILE A 55 -18.47 24.42 15.84
C ILE A 55 -17.17 24.61 16.62
N GLN A 56 -17.19 24.32 17.93
CA GLN A 56 -16.01 24.45 18.83
C GLN A 56 -14.90 23.49 18.39
N ALA A 57 -15.26 22.24 18.08
CA ALA A 57 -14.33 21.19 17.62
C ALA A 57 -13.62 21.66 16.34
N ASP A 58 -14.39 22.24 15.40
CA ASP A 58 -13.88 22.74 14.10
C ASP A 58 -12.95 23.94 14.32
N TYR A 59 -13.35 24.85 15.24
CA TYR A 59 -12.55 26.05 15.62
C TYR A 59 -11.16 25.62 16.09
N LEU A 60 -11.10 24.59 16.95
CA LEU A 60 -9.86 24.10 17.59
C LEU A 60 -8.98 23.37 16.56
N TYR A 61 -9.59 22.53 15.70
CA TYR A 61 -8.89 21.81 14.60
C TYR A 61 -8.27 22.81 13.63
N THR A 62 -9.06 23.82 13.22
CA THR A 62 -8.67 24.88 12.26
C THR A 62 -7.55 25.74 12.87
N ARG A 63 -7.68 26.08 14.15
CA ARG A 63 -6.67 26.87 14.94
C ARG A 63 -5.33 26.12 14.94
N ALA A 64 -5.36 24.80 15.20
CA ALA A 64 -4.18 23.92 15.26
C ALA A 64 -3.49 23.86 13.90
N LEU A 65 -4.25 23.98 12.81
CA LEU A 65 -3.76 23.84 11.40
C LEU A 65 -3.20 25.18 10.89
N THR A 66 -3.46 26.29 11.59
CA THR A 66 -3.15 27.67 11.11
C THR A 66 -2.51 28.49 12.23
N ILE A 67 -1.35 28.05 12.74
CA ILE A 67 -0.60 28.72 13.85
C ILE A 67 0.02 30.00 13.30
N SER A 68 0.81 29.89 12.23
CA SER A 68 1.59 30.99 11.59
C SER A 68 0.90 31.43 10.29
N PRO A 69 1.15 32.68 9.82
CA PRO A 69 0.58 33.17 8.56
C PRO A 69 0.79 32.29 7.33
N TYR A 70 1.90 31.54 7.26
CA TYR A 70 2.24 30.64 6.12
C TYR A 70 1.34 29.40 6.15
N HIS A 71 0.92 28.95 7.34
CA HIS A 71 -0.07 27.86 7.52
C HIS A 71 -1.44 28.30 6.99
N GLU A 72 -1.84 29.55 7.28
CA GLU A 72 -3.13 30.15 6.82
C GLU A 72 -3.19 30.14 5.29
N LYS A 73 -2.11 30.59 4.63
CA LYS A 73 -1.99 30.62 3.15
C LYS A 73 -2.09 29.19 2.60
N ALA A 74 -1.43 28.23 3.26
CA ALA A 74 -1.40 26.80 2.88
C ALA A 74 -2.82 26.21 2.93
N LEU A 75 -3.63 26.58 3.93
CA LEU A 75 -5.01 26.05 4.11
C LEU A 75 -5.93 26.61 3.02
N VAL A 76 -5.97 27.93 2.83
CA VAL A 76 -6.86 28.60 1.82
C VAL A 76 -6.50 28.09 0.42
N ASN A 77 -5.20 27.87 0.16
CA ASN A 77 -4.69 27.38 -1.16
C ASN A 77 -5.05 25.90 -1.33
N ARG A 78 -4.85 25.09 -0.29
CA ARG A 78 -5.14 23.63 -0.31
C ARG A 78 -6.64 23.42 -0.52
N ASP A 79 -7.48 24.23 0.12
CA ASP A 79 -8.97 24.18 0.00
C ASP A 79 -9.39 24.48 -1.44
N ARG A 80 -8.60 25.29 -2.16
CA ARG A 80 -8.84 25.64 -3.59
C ARG A 80 -8.39 24.47 -4.49
N THR A 81 -7.23 23.87 -4.20
CA THR A 81 -6.58 22.84 -5.05
C THR A 81 -7.26 21.47 -4.88
N LEU A 82 -7.71 21.13 -3.66
CA LEU A 82 -8.24 19.77 -3.32
C LEU A 82 -9.34 19.37 -4.30
N PRO A 83 -10.41 20.18 -4.50
CA PRO A 83 -11.47 19.85 -5.46
C PRO A 83 -10.96 19.54 -6.88
N LEU A 84 -9.98 20.31 -7.36
CA LEU A 84 -9.40 20.18 -8.73
C LEU A 84 -8.61 18.86 -8.80
N VAL A 85 -7.88 18.53 -7.72
CA VAL A 85 -7.08 17.28 -7.58
C VAL A 85 -8.05 16.08 -7.51
N GLU A 86 -9.12 16.20 -6.73
CA GLU A 86 -10.19 15.17 -6.62
C GLU A 86 -10.76 14.87 -8.01
N GLU A 87 -11.01 15.91 -8.82
CA GLU A 87 -11.54 15.80 -10.20
C GLU A 87 -10.51 15.08 -11.09
N ILE A 88 -9.25 15.52 -11.06
CA ILE A 88 -8.14 14.95 -11.90
C ILE A 88 -7.96 13.47 -11.56
N ASP A 89 -7.97 13.13 -10.26
CA ASP A 89 -7.79 11.74 -9.74
C ASP A 89 -8.99 10.89 -10.17
N GLN A 90 -10.21 11.35 -9.91
CA GLN A 90 -11.47 10.62 -10.20
C GLN A 90 -11.56 10.34 -11.71
N ARG A 91 -11.23 11.33 -12.54
CA ARG A 91 -11.15 11.20 -14.03
C ARG A 91 -10.27 10.01 -14.39
N TYR A 92 -9.09 9.90 -13.78
CA TYR A 92 -8.04 8.92 -14.12
C TYR A 92 -8.50 7.50 -13.75
N PHE A 93 -9.30 7.36 -12.68
CA PHE A 93 -9.89 6.06 -12.25
C PHE A 93 -10.98 5.63 -13.24
N SER A 94 -11.82 6.57 -13.69
CA SER A 94 -12.91 6.32 -14.67
C SER A 94 -12.31 5.94 -16.03
N ILE A 95 -11.16 6.52 -16.39
CA ILE A 95 -10.40 6.22 -17.64
C ILE A 95 -9.86 4.79 -17.55
N ILE A 96 -9.35 4.38 -16.39
CA ILE A 96 -8.87 2.99 -16.11
C ILE A 96 -10.07 2.03 -16.19
N ASP A 97 -11.18 2.37 -15.54
CA ASP A 97 -12.42 1.56 -15.47
C ASP A 97 -12.89 1.20 -16.88
N SER A 98 -12.91 2.18 -17.80
CA SER A 98 -13.36 2.01 -19.21
C SER A 98 -12.46 1.00 -19.92
N LYS A 99 -11.14 1.09 -19.72
CA LYS A 99 -10.13 0.21 -20.36
C LYS A 99 -10.19 -1.19 -19.77
N VAL A 100 -10.55 -1.33 -18.49
CA VAL A 100 -10.75 -2.65 -17.81
C VAL A 100 -11.93 -3.36 -18.46
N LYS A 101 -13.06 -2.65 -18.63
CA LYS A 101 -14.32 -3.17 -19.23
C LYS A 101 -14.06 -3.66 -20.66
N LYS A 102 -13.22 -2.95 -21.41
CA LYS A 102 -12.83 -3.32 -22.80
C LYS A 102 -12.01 -4.61 -22.80
N VAL A 103 -11.09 -4.78 -21.83
CA VAL A 103 -10.22 -5.98 -21.70
C VAL A 103 -11.07 -7.18 -21.27
N MET A 104 -11.93 -6.98 -20.26
N MET A 104 -11.97 -6.98 -20.31
CA MET A 104 -12.83 -8.02 -19.68
CA MET A 104 -12.80 -8.07 -19.71
C MET A 104 -13.85 -8.48 -20.74
C MET A 104 -13.97 -8.44 -20.62
N SER A 105 -14.35 -7.56 -21.56
CA SER A 105 -15.39 -7.83 -22.59
C SER A 105 -14.87 -8.84 -23.63
N ILE A 106 -13.60 -8.71 -24.04
CA ILE A 106 -12.91 -9.62 -25.01
C ILE A 106 -13.15 -11.06 -24.56
N PRO A 107 -13.52 -11.99 -25.48
CA PRO A 107 -13.73 -13.39 -25.11
C PRO A 107 -12.46 -14.06 -24.55
N LYS A 108 -12.59 -14.74 -23.40
CA LYS A 108 -11.48 -15.43 -22.69
C LYS A 108 -10.75 -16.38 -23.65
N GLY A 109 -11.50 -17.04 -24.53
CA GLY A 109 -10.96 -17.96 -25.58
C GLY A 109 -10.66 -17.20 -26.86
N ASN A 110 -9.69 -16.28 -26.82
CA ASN A 110 -9.24 -15.45 -27.98
C ASN A 110 -7.76 -15.77 -28.26
N SER A 111 -7.41 -15.94 -29.53
CA SER A 111 -6.04 -16.31 -30.01
C SER A 111 -5.04 -15.21 -29.62
N ALA A 112 -5.36 -13.95 -29.91
CA ALA A 112 -4.51 -12.77 -29.63
C ALA A 112 -4.28 -12.64 -28.12
N LEU A 113 -5.36 -12.51 -27.34
CA LEU A 113 -5.33 -12.30 -25.86
C LEU A 113 -4.45 -13.36 -25.19
N ARG A 114 -4.63 -14.64 -25.55
CA ARG A 114 -3.90 -15.79 -24.95
C ARG A 114 -2.39 -15.59 -25.08
N ARG A 115 -1.91 -15.27 -26.29
CA ARG A 115 -0.47 -14.99 -26.57
C ARG A 115 0.02 -13.87 -25.65
N VAL A 116 -0.75 -12.77 -25.56
CA VAL A 116 -0.37 -11.54 -24.80
C VAL A 116 -0.28 -11.92 -23.32
N MET A 117 -1.30 -12.61 -22.80
CA MET A 117 -1.37 -13.09 -21.39
C MET A 117 -0.15 -13.99 -21.08
N GLU A 118 0.25 -14.83 -22.03
CA GLU A 118 1.40 -15.77 -21.90
C GLU A 118 2.71 -14.97 -21.88
N GLU A 119 2.84 -13.98 -22.76
CA GLU A 119 4.08 -13.15 -22.93
C GLU A 119 4.24 -12.19 -21.73
N THR A 120 3.15 -11.56 -21.28
CA THR A 120 3.14 -10.57 -20.17
C THR A 120 3.39 -11.26 -18.83
N TYR A 121 3.08 -12.56 -18.71
CA TYR A 121 3.32 -13.39 -17.49
C TYR A 121 4.82 -13.34 -17.13
N TYR A 122 5.68 -13.53 -18.14
CA TYR A 122 7.16 -13.56 -17.99
C TYR A 122 7.69 -12.14 -17.80
N HIS A 123 7.02 -11.13 -18.37
CA HIS A 123 7.35 -9.69 -18.23
C HIS A 123 7.24 -9.28 -16.76
N HIS A 124 6.17 -9.68 -16.07
CA HIS A 124 5.94 -9.35 -14.64
C HIS A 124 7.05 -9.98 -13.79
N ILE A 125 7.33 -11.27 -13.97
CA ILE A 125 8.40 -12.01 -13.25
C ILE A 125 9.74 -11.29 -13.46
N TYR A 126 10.05 -10.92 -14.71
CA TYR A 126 11.29 -10.20 -15.09
C TYR A 126 11.41 -8.91 -14.27
N HIS A 127 10.39 -8.05 -14.34
CA HIS A 127 10.38 -6.69 -13.74
C HIS A 127 10.35 -6.76 -12.20
N THR A 128 9.69 -7.77 -11.63
CA THR A 128 9.50 -7.90 -10.16
C THR A 128 10.83 -8.26 -9.47
N VAL A 129 11.75 -8.91 -10.19
CA VAL A 129 13.09 -9.34 -9.68
C VAL A 129 14.17 -8.36 -10.16
N ALA A 130 14.08 -7.90 -11.42
CA ALA A 130 15.09 -7.03 -12.08
C ALA A 130 15.13 -5.64 -11.41
N ILE A 131 14.01 -5.19 -10.83
CA ILE A 131 13.88 -3.87 -10.15
C ILE A 131 14.81 -3.79 -8.94
N GLU A 132 15.33 -4.93 -8.46
CA GLU A 132 16.31 -4.98 -7.32
C GLU A 132 17.52 -5.83 -7.71
N GLY A 133 18.03 -5.70 -8.94
CA GLY A 133 19.38 -6.09 -9.33
C GLY A 133 19.50 -7.50 -9.88
N ASN A 134 18.39 -8.19 -10.12
CA ASN A 134 18.37 -9.52 -10.78
C ASN A 134 18.71 -9.33 -12.27
N THR A 135 19.84 -9.88 -12.72
CA THR A 135 20.47 -9.58 -14.04
C THR A 135 19.99 -10.56 -15.12
N LEU A 136 19.09 -11.50 -14.78
CA LEU A 136 18.53 -12.50 -15.72
C LEU A 136 17.78 -11.76 -16.84
N THR A 137 18.02 -12.14 -18.10
CA THR A 137 17.30 -11.63 -19.29
C THR A 137 15.96 -12.38 -19.42
N LEU A 138 15.04 -11.86 -20.23
CA LEU A 138 13.65 -12.35 -20.37
C LEU A 138 13.64 -13.78 -20.96
N SER A 139 14.50 -14.02 -21.97
CA SER A 139 14.64 -15.34 -22.65
C SER A 139 15.15 -16.40 -21.67
N GLU A 140 16.07 -16.00 -20.78
CA GLU A 140 16.65 -16.88 -19.71
C GLU A 140 15.54 -17.30 -18.75
N ILE A 141 14.71 -16.35 -18.30
CA ILE A 141 13.59 -16.59 -17.35
C ILE A 141 12.61 -17.60 -17.96
N ARG A 142 12.28 -17.45 -19.24
CA ARG A 142 11.37 -18.38 -19.97
C ARG A 142 12.00 -19.77 -20.03
N HIS A 143 13.30 -19.85 -20.37
CA HIS A 143 14.08 -21.10 -20.42
C HIS A 143 13.97 -21.83 -19.08
N ILE A 144 14.16 -21.11 -17.98
CA ILE A 144 14.17 -21.66 -16.58
C ILE A 144 12.79 -22.24 -16.24
N LEU A 145 11.70 -21.59 -16.68
CA LEU A 145 10.30 -21.91 -16.28
C LEU A 145 9.68 -22.93 -17.25
N GLU A 146 10.07 -22.91 -18.53
CA GLU A 146 9.48 -23.77 -19.59
C GLU A 146 10.19 -25.14 -19.63
N THR A 147 11.52 -25.14 -19.60
CA THR A 147 12.37 -26.37 -19.70
C THR A 147 12.66 -26.92 -18.31
N ARG A 148 12.89 -26.04 -17.32
CA ARG A 148 13.39 -26.36 -15.96
C ARG A 148 14.80 -26.99 -16.09
N TYR A 149 15.62 -26.41 -16.97
CA TYR A 149 17.10 -26.53 -17.01
C TYR A 149 17.69 -25.18 -16.62
N ALA A 150 18.71 -25.19 -15.75
CA ALA A 150 19.42 -23.98 -15.28
C ALA A 150 20.22 -23.37 -16.45
N VAL A 151 20.35 -22.04 -16.47
CA VAL A 151 21.13 -21.28 -17.50
C VAL A 151 22.57 -21.18 -17.02
N PRO A 152 23.56 -21.17 -17.94
CA PRO A 152 24.98 -21.08 -17.55
C PRO A 152 25.42 -19.66 -17.15
N GLY A 153 26.39 -19.57 -16.25
CA GLY A 153 27.07 -18.31 -15.85
C GLY A 153 26.12 -17.31 -15.23
N LYS A 154 25.09 -17.77 -14.51
CA LYS A 154 24.17 -16.91 -13.71
C LYS A 154 23.87 -17.63 -12.38
N SER A 155 23.98 -16.90 -11.27
CA SER A 155 23.94 -17.43 -9.88
C SER A 155 22.66 -18.24 -9.65
N ASP A 156 22.74 -19.27 -8.81
CA ASP A 156 21.60 -20.13 -8.42
C ASP A 156 20.60 -19.31 -7.59
N GLU A 157 21.08 -18.25 -6.93
CA GLU A 157 20.23 -17.31 -6.14
C GLU A 157 19.26 -16.58 -7.09
N GLU A 158 19.77 -16.02 -8.18
CA GLU A 158 18.99 -15.25 -9.19
C GLU A 158 17.91 -16.13 -9.82
N GLN A 159 18.25 -17.38 -10.16
CA GLN A 159 17.35 -18.33 -10.88
C GLN A 159 16.29 -18.86 -9.90
N ASN A 160 16.64 -19.04 -8.62
CA ASN A 160 15.71 -19.55 -7.57
C ASN A 160 14.74 -18.43 -7.15
N GLU A 161 15.08 -17.16 -7.41
CA GLU A 161 14.16 -16.02 -7.21
C GLU A 161 13.04 -16.09 -8.25
N VAL A 162 13.38 -16.47 -9.49
CA VAL A 162 12.43 -16.61 -10.63
C VAL A 162 11.51 -17.81 -10.39
N ILE A 163 12.08 -18.95 -10.01
CA ILE A 163 11.33 -20.22 -9.72
C ILE A 163 10.30 -19.94 -8.60
N GLY A 164 10.72 -19.22 -7.57
CA GLY A 164 9.87 -18.85 -6.41
C GLY A 164 8.69 -17.97 -6.81
N MET A 165 8.93 -16.98 -7.68
CA MET A 165 7.89 -16.06 -8.23
C MET A 165 6.85 -16.88 -9.00
N HIS A 166 7.31 -17.74 -9.91
CA HIS A 166 6.47 -18.65 -10.74
C HIS A 166 5.60 -19.53 -9.83
N ALA A 167 6.21 -20.11 -8.78
CA ALA A 167 5.54 -20.97 -7.78
C ALA A 167 4.44 -20.19 -7.06
N ALA A 168 4.74 -18.95 -6.66
CA ALA A 168 3.84 -18.04 -5.91
C ALA A 168 2.67 -17.61 -6.81
N MET A 169 2.95 -17.26 -8.06
CA MET A 169 1.94 -16.78 -9.06
C MET A 169 0.95 -17.91 -9.38
N LYS A 170 1.45 -19.13 -9.62
CA LYS A 170 0.63 -20.35 -9.82
C LYS A 170 -0.31 -20.54 -8.64
N TYR A 171 0.25 -20.52 -7.41
CA TYR A 171 -0.50 -20.73 -6.14
C TYR A 171 -1.69 -19.76 -6.07
N ILE A 172 -1.44 -18.47 -6.34
CA ILE A 172 -2.47 -17.38 -6.29
C ILE A 172 -3.54 -17.66 -7.35
N ASN A 173 -3.13 -17.78 -8.62
CA ASN A 173 -4.02 -17.97 -9.80
C ASN A 173 -5.00 -19.13 -9.56
N THR A 174 -4.49 -20.27 -9.07
CA THR A 174 -5.26 -21.54 -8.93
C THR A 174 -6.07 -21.54 -7.62
N THR A 175 -5.45 -21.17 -6.49
CA THR A 175 -6.00 -21.36 -5.13
C THR A 175 -6.74 -20.10 -4.66
N LEU A 176 -6.08 -18.94 -4.64
CA LEU A 176 -6.52 -17.73 -3.89
C LEU A 176 -7.48 -16.86 -4.72
N VAL A 177 -7.19 -16.64 -6.00
CA VAL A 177 -7.96 -15.69 -6.88
C VAL A 177 -9.46 -16.01 -6.77
N SER A 178 -9.85 -17.24 -7.10
CA SER A 178 -11.26 -17.71 -7.17
C SER A 178 -11.78 -18.12 -5.79
N ARG A 179 -10.91 -18.29 -4.79
CA ARG A 179 -11.30 -18.66 -3.40
C ARG A 179 -12.16 -17.53 -2.81
N ILE A 180 -13.40 -17.86 -2.41
CA ILE A 180 -14.35 -16.93 -1.75
C ILE A 180 -14.15 -17.02 -0.23
N GLY A 181 -13.93 -15.88 0.42
CA GLY A 181 -13.69 -15.77 1.87
C GLY A 181 -12.66 -14.70 2.20
N SER A 182 -12.36 -14.54 3.50
CA SER A 182 -11.40 -13.53 4.04
C SER A 182 -9.97 -13.97 3.73
N VAL A 183 -9.09 -13.00 3.45
CA VAL A 183 -7.61 -13.20 3.31
C VAL A 183 -6.99 -13.08 4.71
N THR A 184 -6.23 -14.09 5.14
CA THR A 184 -5.66 -14.21 6.51
C THR A 184 -4.13 -14.09 6.45
N ILE A 185 -3.49 -13.99 7.62
CA ILE A 185 -2.01 -13.94 7.79
C ILE A 185 -1.39 -15.19 7.14
N SER A 186 -2.04 -16.35 7.31
CA SER A 186 -1.62 -17.67 6.76
C SER A 186 -1.46 -17.58 5.23
N ASP A 187 -2.42 -16.95 4.55
CA ASP A 187 -2.42 -16.77 3.07
C ASP A 187 -1.19 -15.98 2.63
N VAL A 188 -0.89 -14.89 3.33
CA VAL A 188 0.30 -14.00 3.06
C VAL A 188 1.57 -14.83 3.22
N LEU A 189 1.64 -15.65 4.28
CA LEU A 189 2.80 -16.51 4.62
C LEU A 189 2.96 -17.60 3.55
N GLU A 190 1.84 -18.18 3.07
CA GLU A 190 1.82 -19.21 2.00
C GLU A 190 2.45 -18.63 0.73
N ILE A 191 2.13 -17.38 0.38
CA ILE A 191 2.69 -16.66 -0.80
C ILE A 191 4.20 -16.46 -0.58
N HIS A 192 4.59 -15.94 0.59
CA HIS A 192 5.99 -15.61 0.95
C HIS A 192 6.85 -16.88 0.99
N ARG A 193 6.28 -17.99 1.48
CA ARG A 193 6.98 -19.30 1.61
C ARG A 193 7.39 -19.79 0.21
N ARG A 194 6.59 -19.51 -0.81
CA ARG A 194 6.86 -19.87 -2.23
C ARG A 194 7.82 -18.85 -2.84
N VAL A 195 7.62 -17.55 -2.58
CA VAL A 195 8.40 -16.42 -3.15
C VAL A 195 9.88 -16.58 -2.78
N LEU A 196 10.18 -16.81 -1.50
CA LEU A 196 11.56 -16.80 -0.93
C LEU A 196 12.06 -18.22 -0.66
N GLY A 197 11.18 -19.22 -0.67
CA GLY A 197 11.46 -20.62 -0.28
C GLY A 197 12.67 -21.21 -0.99
N TYR A 198 12.80 -20.97 -2.30
CA TYR A 198 13.82 -21.60 -3.18
C TYR A 198 15.18 -20.93 -3.00
N VAL A 199 15.23 -19.79 -2.32
CA VAL A 199 16.49 -19.01 -2.03
C VAL A 199 16.85 -19.20 -0.55
N ASP A 200 15.91 -18.94 0.35
CA ASP A 200 16.10 -18.98 1.82
C ASP A 200 14.90 -19.71 2.44
N PRO A 201 14.87 -21.06 2.43
CA PRO A 201 13.73 -21.82 2.96
C PRO A 201 13.59 -21.75 4.49
N VAL A 202 14.65 -21.31 5.18
CA VAL A 202 14.68 -21.15 6.66
C VAL A 202 13.78 -19.96 7.05
N GLU A 203 13.94 -18.83 6.35
CA GLU A 203 13.25 -17.54 6.66
C GLU A 203 11.95 -17.42 5.86
N ALA A 204 11.82 -18.13 4.74
CA ALA A 204 10.62 -18.14 3.88
C ALA A 204 9.42 -18.68 4.67
N GLY A 205 8.43 -17.83 4.94
CA GLY A 205 7.12 -18.21 5.50
C GLY A 205 6.98 -17.85 6.97
N ARG A 206 7.93 -17.09 7.53
CA ARG A 206 7.87 -16.62 8.94
C ARG A 206 8.36 -15.17 9.03
N PHE A 207 7.89 -14.42 10.02
CA PHE A 207 8.24 -13.01 10.28
C PHE A 207 9.68 -12.91 10.77
N ARG A 208 10.30 -11.74 10.56
CA ARG A 208 11.65 -11.40 11.07
C ARG A 208 11.55 -11.20 12.59
N THR A 209 12.66 -11.45 13.30
CA THR A 209 12.78 -11.32 14.78
C THR A 209 13.90 -10.32 15.12
N THR A 210 14.31 -9.51 14.14
CA THR A 210 15.42 -8.51 14.26
C THR A 210 14.96 -7.17 13.69
N GLN A 211 15.59 -6.07 14.15
CA GLN A 211 15.41 -4.70 13.62
C GLN A 211 16.15 -4.59 12.28
N VAL A 212 15.53 -3.95 11.29
CA VAL A 212 16.11 -3.72 9.93
C VAL A 212 15.81 -2.27 9.50
N LEU A 213 16.32 -1.88 8.33
CA LEU A 213 16.13 -0.55 7.70
C LEU A 213 15.95 -0.73 6.19
N VAL A 214 14.81 -0.30 5.65
CA VAL A 214 14.45 -0.42 4.19
C VAL A 214 14.59 0.97 3.55
N GLY A 215 15.58 1.17 2.68
CA GLY A 215 15.86 2.46 2.04
C GLY A 215 15.95 3.58 3.07
N HIS A 216 14.97 4.48 3.09
CA HIS A 216 14.86 5.62 4.04
C HIS A 216 13.68 5.39 4.99
N HIS A 217 13.19 4.14 5.07
CA HIS A 217 12.01 3.74 5.87
C HIS A 217 12.48 2.97 7.12
N ILE A 218 11.88 3.28 8.28
CA ILE A 218 12.09 2.57 9.58
C ILE A 218 10.86 1.70 9.84
N PRO A 219 10.89 0.40 9.48
CA PRO A 219 9.75 -0.48 9.72
C PRO A 219 9.58 -0.79 11.21
N PRO A 220 8.41 -1.31 11.63
CA PRO A 220 8.16 -1.64 13.04
C PRO A 220 9.26 -2.51 13.69
N HIS A 221 9.33 -2.47 15.03
CA HIS A 221 10.18 -3.36 15.87
C HIS A 221 9.65 -4.78 15.74
N PRO A 222 10.53 -5.80 15.58
CA PRO A 222 10.08 -7.20 15.38
C PRO A 222 8.99 -7.65 16.36
N GLN A 223 9.00 -7.12 17.59
CA GLN A 223 8.04 -7.47 18.67
C GLN A 223 6.64 -6.90 18.38
N ASP A 224 6.53 -5.90 17.47
CA ASP A 224 5.25 -5.23 17.11
C ASP A 224 4.77 -5.68 15.71
N VAL A 225 5.58 -6.46 14.98
CA VAL A 225 5.27 -6.93 13.59
C VAL A 225 3.93 -7.69 13.61
N GLU A 226 3.77 -8.66 14.51
CA GLU A 226 2.61 -9.60 14.51
C GLU A 226 1.31 -8.82 14.75
N LYS A 227 1.29 -7.88 15.71
CA LYS A 227 0.09 -7.07 16.04
C LYS A 227 -0.32 -6.25 14.81
N GLN A 228 0.65 -5.62 14.13
CA GLN A 228 0.42 -4.74 12.96
C GLN A 228 -0.06 -5.60 11.77
N MET A 229 0.39 -6.85 11.66
CA MET A 229 -0.06 -7.81 10.62
C MET A 229 -1.51 -8.23 10.91
N GLN A 230 -1.89 -8.34 12.19
CA GLN A 230 -3.28 -8.65 12.61
C GLN A 230 -4.20 -7.46 12.26
N GLU A 231 -3.75 -6.25 12.55
CA GLU A 231 -4.47 -4.97 12.25
C GLU A 231 -4.58 -4.80 10.72
N PHE A 232 -3.54 -5.22 9.98
CA PHE A 232 -3.45 -5.13 8.51
C PHE A 232 -4.53 -6.00 7.86
N VAL A 233 -4.61 -7.28 8.24
CA VAL A 233 -5.56 -8.27 7.63
C VAL A 233 -6.99 -7.92 8.06
N GLN A 234 -7.17 -7.34 9.25
CA GLN A 234 -8.48 -6.83 9.74
C GLN A 234 -8.98 -5.75 8.78
N TRP A 235 -8.09 -4.85 8.34
CA TRP A 235 -8.38 -3.78 7.36
C TRP A 235 -8.68 -4.39 5.98
N LEU A 236 -7.88 -5.36 5.53
CA LEU A 236 -8.03 -6.05 4.21
C LEU A 236 -9.47 -6.53 4.04
N ASN A 237 -10.08 -7.07 5.10
CA ASN A 237 -11.42 -7.73 5.08
C ASN A 237 -12.50 -6.80 5.64
N SER A 238 -12.17 -5.52 5.86
CA SER A 238 -13.11 -4.49 6.38
C SER A 238 -14.07 -4.05 5.26
N GLU A 239 -15.23 -3.51 5.64
CA GLU A 239 -16.25 -2.96 4.71
C GLU A 239 -15.70 -1.69 4.04
N GLU A 240 -14.94 -0.89 4.80
CA GLU A 240 -14.26 0.35 4.32
C GLU A 240 -13.42 0.02 3.09
N ALA A 241 -12.58 -1.02 3.17
CA ALA A 241 -11.64 -1.46 2.12
C ALA A 241 -12.41 -1.97 0.89
N MET A 242 -13.58 -2.59 1.10
CA MET A 242 -14.45 -3.14 0.03
C MET A 242 -15.03 -1.99 -0.81
N ASN A 243 -15.35 -0.86 -0.18
CA ASN A 243 -15.95 0.34 -0.82
C ASN A 243 -14.92 1.00 -1.76
N LEU A 244 -13.64 1.00 -1.37
CA LEU A 244 -12.53 1.65 -2.12
C LEU A 244 -12.51 1.12 -3.57
N HIS A 245 -12.06 1.96 -4.51
CA HIS A 245 -11.76 1.58 -5.92
C HIS A 245 -10.68 0.51 -5.90
N PRO A 246 -10.83 -0.61 -6.66
CA PRO A 246 -9.88 -1.72 -6.62
C PRO A 246 -8.41 -1.29 -6.69
N VAL A 247 -8.09 -0.32 -7.56
CA VAL A 247 -6.72 0.22 -7.78
C VAL A 247 -6.22 0.90 -6.51
N GLU A 248 -7.07 1.69 -5.86
CA GLU A 248 -6.77 2.38 -4.57
C GLU A 248 -6.54 1.32 -3.49
N PHE A 249 -7.44 0.33 -3.40
CA PHE A 249 -7.41 -0.77 -2.41
C PHE A 249 -6.13 -1.61 -2.62
N ALA A 250 -5.82 -1.95 -3.86
CA ALA A 250 -4.64 -2.75 -4.26
C ALA A 250 -3.35 -1.98 -3.92
N ALA A 251 -3.33 -0.68 -4.20
CA ALA A 251 -2.18 0.23 -3.92
C ALA A 251 -1.97 0.36 -2.40
N LEU A 252 -3.05 0.56 -1.64
CA LEU A 252 -3.02 0.72 -0.16
C LEU A 252 -2.53 -0.58 0.49
N ALA A 253 -3.05 -1.73 0.04
CA ALA A 253 -2.66 -3.08 0.51
C ALA A 253 -1.16 -3.29 0.29
N HIS A 254 -0.66 -2.94 -0.90
CA HIS A 254 0.78 -2.99 -1.27
C HIS A 254 1.59 -2.16 -0.26
N TYR A 255 1.34 -0.85 -0.18
CA TYR A 255 2.14 0.10 0.64
C TYR A 255 2.15 -0.34 2.11
N LYS A 256 0.98 -0.68 2.66
CA LYS A 256 0.82 -1.05 4.09
C LYS A 256 1.72 -2.24 4.44
N LEU A 257 1.82 -3.23 3.54
CA LEU A 257 2.61 -4.47 3.79
C LEU A 257 4.11 -4.16 3.78
N VAL A 258 4.59 -3.36 2.82
CA VAL A 258 6.03 -2.98 2.72
C VAL A 258 6.39 -1.97 3.82
N TYR A 259 5.40 -1.26 4.38
CA TYR A 259 5.60 -0.36 5.55
C TYR A 259 5.89 -1.24 6.78
N ILE A 260 5.04 -2.21 7.06
CA ILE A 260 5.23 -3.22 8.14
C ILE A 260 6.53 -3.99 7.84
N HIS A 261 6.76 -4.34 6.57
CA HIS A 261 7.98 -5.04 6.10
C HIS A 261 8.25 -6.22 7.03
N PRO A 262 7.26 -7.15 7.18
CA PRO A 262 7.30 -8.14 8.25
C PRO A 262 8.31 -9.29 8.09
N PHE A 263 8.82 -9.49 6.87
CA PHE A 263 9.81 -10.55 6.53
C PHE A 263 11.21 -9.95 6.49
N ILE A 264 12.24 -10.81 6.60
CA ILE A 264 13.68 -10.42 6.54
C ILE A 264 14.03 -10.04 5.09
N ASP A 265 13.31 -10.61 4.12
CA ASP A 265 13.49 -10.33 2.66
C ASP A 265 12.23 -10.79 1.92
N GLY A 266 12.09 -10.41 0.65
CA GLY A 266 10.96 -10.79 -0.22
C GLY A 266 9.70 -9.99 0.10
N ASN A 267 9.84 -8.82 0.73
CA ASN A 267 8.72 -7.95 1.16
C ASN A 267 8.10 -7.27 -0.06
N GLY A 268 8.93 -6.74 -0.97
CA GLY A 268 8.50 -6.11 -2.22
C GLY A 268 7.75 -7.07 -3.12
N ARG A 269 8.38 -8.21 -3.45
CA ARG A 269 7.81 -9.28 -4.32
C ARG A 269 6.46 -9.74 -3.76
N THR A 270 6.38 -9.97 -2.44
CA THR A 270 5.17 -10.45 -1.73
C THR A 270 4.06 -9.40 -1.83
N SER A 271 4.37 -8.14 -1.54
CA SER A 271 3.40 -7.01 -1.50
C SER A 271 2.86 -6.73 -2.91
N ARG A 272 3.69 -6.92 -3.95
CA ARG A 272 3.29 -6.74 -5.38
C ARG A 272 2.38 -7.89 -5.82
N LEU A 273 2.59 -9.10 -5.28
CA LEU A 273 1.72 -10.28 -5.55
C LEU A 273 0.36 -10.07 -4.89
N LEU A 274 0.34 -9.59 -3.65
CA LEU A 274 -0.91 -9.29 -2.87
C LEU A 274 -1.71 -8.21 -3.62
N MET A 275 -1.02 -7.21 -4.17
CA MET A 275 -1.61 -6.12 -4.98
C MET A 275 -2.35 -6.73 -6.17
N ASN A 276 -1.73 -7.67 -6.87
CA ASN A 276 -2.26 -8.30 -8.12
C ASN A 276 -3.40 -9.28 -7.79
N LEU A 277 -3.33 -9.94 -6.64
CA LEU A 277 -4.42 -10.82 -6.14
C LEU A 277 -5.70 -9.99 -6.01
N ILE A 278 -5.63 -8.87 -5.28
CA ILE A 278 -6.78 -7.94 -5.02
C ILE A 278 -7.37 -7.48 -6.35
N LEU A 279 -6.52 -7.05 -7.30
CA LEU A 279 -6.94 -6.56 -8.64
C LEU A 279 -7.64 -7.69 -9.41
N MET A 280 -7.06 -8.89 -9.42
CA MET A 280 -7.59 -10.09 -10.13
C MET A 280 -8.95 -10.48 -9.55
N GLN A 281 -9.11 -10.43 -8.22
CA GLN A 281 -10.38 -10.74 -7.52
C GLN A 281 -11.45 -9.70 -7.89
N ALA A 282 -11.05 -8.47 -8.20
CA ALA A 282 -11.93 -7.34 -8.57
C ALA A 282 -12.23 -7.34 -10.07
N GLY A 283 -11.55 -8.20 -10.85
CA GLY A 283 -11.81 -8.41 -12.28
C GLY A 283 -10.83 -7.64 -13.17
N TYR A 284 -9.79 -7.03 -12.59
CA TYR A 284 -8.69 -6.36 -13.32
C TYR A 284 -7.61 -7.42 -13.61
N PRO A 285 -6.76 -7.23 -14.65
CA PRO A 285 -5.63 -8.14 -14.90
C PRO A 285 -4.46 -7.81 -13.97
N PRO A 286 -3.41 -8.65 -13.90
CA PRO A 286 -2.24 -8.36 -13.07
C PRO A 286 -1.37 -7.27 -13.72
N ILE A 287 -0.98 -6.26 -12.94
CA ILE A 287 -0.19 -5.08 -13.41
C ILE A 287 1.28 -5.29 -13.07
N THR A 288 2.17 -4.55 -13.73
CA THR A 288 3.64 -4.62 -13.57
C THR A 288 4.21 -3.23 -13.27
N ILE A 289 5.10 -3.16 -12.27
CA ILE A 289 5.99 -1.99 -12.00
C ILE A 289 7.34 -2.29 -12.65
N ARG A 290 7.66 -1.61 -13.75
CA ARG A 290 8.88 -1.85 -14.57
C ARG A 290 10.12 -1.46 -13.76
N LYS A 291 11.28 -2.03 -14.10
CA LYS A 291 12.57 -1.80 -13.40
C LYS A 291 13.06 -0.37 -13.68
N GLU A 292 12.61 0.22 -14.80
CA GLU A 292 12.93 1.62 -15.21
C GLU A 292 12.25 2.61 -14.25
N GLN A 293 11.18 2.19 -13.56
CA GLN A 293 10.36 3.04 -12.66
C GLN A 293 10.85 2.96 -11.21
N ARG A 294 12.03 2.37 -10.97
CA ARG A 294 12.55 2.09 -9.60
C ARG A 294 12.58 3.38 -8.77
N SER A 295 13.18 4.45 -9.30
CA SER A 295 13.38 5.75 -8.60
C SER A 295 12.03 6.41 -8.31
N ASP A 296 11.10 6.37 -9.28
CA ASP A 296 9.71 6.88 -9.13
C ASP A 296 9.02 6.10 -8.00
N TYR A 297 9.11 4.76 -8.05
CA TYR A 297 8.55 3.79 -7.08
C TYR A 297 9.02 4.15 -5.66
N TYR A 298 10.33 4.34 -5.48
CA TYR A 298 10.97 4.71 -4.19
C TYR A 298 10.53 6.11 -3.76
N HIS A 299 10.44 7.06 -4.70
CA HIS A 299 10.10 8.48 -4.44
C HIS A 299 8.68 8.57 -3.87
N VAL A 300 7.72 7.87 -4.47
CA VAL A 300 6.28 7.87 -4.04
C VAL A 300 6.14 7.09 -2.73
N LEU A 301 7.00 6.08 -2.51
CA LEU A 301 7.02 5.29 -1.25
C LEU A 301 7.53 6.16 -0.09
N GLU A 302 8.57 6.96 -0.34
CA GLU A 302 9.15 7.90 0.65
C GLU A 302 8.13 9.00 0.97
N ALA A 303 7.37 9.45 -0.03
CA ALA A 303 6.27 10.45 0.11
C ALA A 303 5.16 9.86 0.99
N ALA A 304 4.85 8.57 0.80
CA ALA A 304 3.82 7.81 1.57
C ALA A 304 4.25 7.72 3.05
N ASN A 305 5.54 7.46 3.29
CA ASN A 305 6.14 7.35 4.65
C ASN A 305 5.91 8.66 5.42
N GLU A 306 6.03 9.82 4.76
CA GLU A 306 5.97 11.16 5.40
C GLU A 306 4.53 11.70 5.40
N GLY A 307 3.55 10.87 5.01
CA GLY A 307 2.12 11.07 5.35
C GLY A 307 1.30 11.58 4.18
N ASP A 308 1.65 11.23 2.95
CA ASP A 308 0.81 11.45 1.74
C ASP A 308 0.95 10.24 0.81
N VAL A 309 -0.05 9.37 0.81
CA VAL A 309 -0.07 8.07 0.07
C VAL A 309 -0.63 8.30 -1.34
N ARG A 310 -1.26 9.45 -1.58
CA ARG A 310 -1.95 9.77 -2.86
C ARG A 310 -0.98 9.64 -4.04
N PRO A 311 0.27 10.15 -3.96
CA PRO A 311 1.25 9.95 -5.03
C PRO A 311 1.52 8.48 -5.39
N PHE A 312 1.51 7.59 -4.40
CA PHE A 312 1.75 6.13 -4.58
C PHE A 312 0.55 5.49 -5.29
N ILE A 313 -0.66 5.87 -4.88
CA ILE A 313 -1.94 5.42 -5.53
C ILE A 313 -1.91 5.82 -7.00
N ARG A 314 -1.63 7.11 -7.27
CA ARG A 314 -1.51 7.69 -8.64
C ARG A 314 -0.45 6.92 -9.44
N PHE A 315 0.66 6.54 -8.79
CA PHE A 315 1.78 5.79 -9.44
C PHE A 315 1.31 4.38 -9.84
N ILE A 316 0.58 3.70 -8.95
CA ILE A 316 0.00 2.35 -9.20
C ILE A 316 -1.06 2.46 -10.31
N ALA A 317 -1.85 3.53 -10.29
CA ALA A 317 -2.86 3.87 -11.33
C ALA A 317 -2.18 3.99 -12.70
N LYS A 318 -1.03 4.66 -12.77
CA LYS A 318 -0.23 4.82 -14.02
C LYS A 318 0.21 3.43 -14.52
N CYS A 319 0.78 2.61 -13.63
CA CYS A 319 1.27 1.24 -13.92
C CYS A 319 0.11 0.35 -14.41
N THR A 320 -1.11 0.59 -13.88
CA THR A 320 -2.34 -0.14 -14.26
C THR A 320 -2.73 0.21 -15.71
N GLU A 321 -2.76 1.51 -16.03
CA GLU A 321 -3.11 2.02 -17.39
C GLU A 321 -2.11 1.46 -18.42
N THR A 322 -0.82 1.46 -18.10
CA THR A 322 0.29 0.97 -18.98
C THR A 322 0.06 -0.50 -19.30
N THR A 323 -0.30 -1.31 -18.30
CA THR A 323 -0.60 -2.76 -18.45
C THR A 323 -1.79 -2.95 -19.40
N LEU A 324 -2.88 -2.22 -19.16
CA LEU A 324 -4.14 -2.32 -19.94
C LEU A 324 -3.88 -1.90 -21.39
N ASP A 325 -3.14 -0.80 -21.59
CA ASP A 325 -2.76 -0.27 -22.94
C ASP A 325 -1.97 -1.32 -23.71
N THR A 326 -1.19 -2.16 -23.02
CA THR A 326 -0.37 -3.26 -23.61
C THR A 326 -1.29 -4.39 -24.09
N LEU A 327 -2.29 -4.75 -23.29
CA LEU A 327 -3.30 -5.81 -23.63
C LEU A 327 -4.15 -5.32 -24.80
N LEU A 328 -4.66 -4.08 -24.70
CA LEU A 328 -5.55 -3.44 -25.72
C LEU A 328 -4.79 -3.19 -27.02
N PHE A 329 -3.48 -2.89 -26.96
CA PHE A 329 -2.62 -2.68 -28.15
C PHE A 329 -2.60 -3.94 -29.00
N ALA A 330 -2.50 -5.12 -28.36
CA ALA A 330 -2.48 -6.44 -29.04
C ALA A 330 -3.89 -6.79 -29.55
N THR A 331 -4.46 -5.90 -30.37
CA THR A 331 -5.62 -6.14 -31.27
C THR A 331 -5.08 -6.15 -32.71
N THR A 332 -3.90 -6.77 -32.90
CA THR A 332 -3.15 -6.83 -34.17
C THR A 332 -3.74 -7.96 -35.03
N GLU A 333 -4.99 -7.79 -35.47
CA GLU A 333 -5.78 -8.79 -36.24
C GLU A 333 -6.32 -8.14 -37.52
MG MG B . 15.48 -7.94 -0.94
PG ATP C . 11.96 -6.65 -4.69
O1G ATP C . 12.83 -7.32 -5.74
O2G ATP C . 11.82 -5.16 -4.91
O3G ATP C . 10.62 -7.32 -4.56
PB ATP C . 12.39 -7.82 -2.06
O1B ATP C . 13.64 -8.55 -1.70
O2B ATP C . 11.16 -8.59 -2.38
O3B ATP C . 12.71 -6.85 -3.29
PA ATP C . 12.92 -6.36 0.39
O1A ATP C . 14.37 -6.46 0.02
O2A ATP C . 12.41 -7.15 1.55
O3A ATP C . 12.06 -6.77 -0.91
O5' ATP C . 12.52 -4.82 0.57
C5' ATP C . 12.72 -3.90 -0.54
C4' ATP C . 11.37 -3.35 -0.96
O4' ATP C . 10.87 -2.47 0.06
C3' ATP C . 11.36 -2.49 -2.22
O3' ATP C . 11.37 -3.27 -3.40
C2' ATP C . 10.03 -1.74 -2.04
O2' ATP C . 8.92 -2.49 -2.49
C1' ATP C . 9.98 -1.53 -0.53
N9 ATP C . 10.38 -0.18 -0.13
C8 ATP C . 11.43 0.55 -0.62
N7 ATP C . 11.51 1.75 -0.08
C5 ATP C . 10.44 1.80 0.80
C6 ATP C . 9.98 2.80 1.68
N6 ATP C . 10.56 4.00 1.81
N1 ATP C . 8.88 2.53 2.42
C2 ATP C . 8.30 1.32 2.29
N3 ATP C . 8.65 0.30 1.50
C4 ATP C . 9.73 0.62 0.77
C1 EOH D . 4.81 22.40 24.18
C2 EOH D . 5.34 22.64 22.83
O EOH D . 4.06 23.49 24.71
#